data_7YAT
#
_entry.id   7YAT
#
_cell.length_a   1.00
_cell.length_b   1.00
_cell.length_c   1.00
_cell.angle_alpha   90.00
_cell.angle_beta   90.00
_cell.angle_gamma   90.00
#
_symmetry.space_group_name_H-M   'P 1'
#
loop_
_entity.id
_entity.type
_entity.pdbx_description
1 polymer 'Major prion protein'
2 water water
#
_entity_poly.entity_id   1
_entity_poly.type   'polypeptide(L)'
_entity_poly.pdbx_seq_one_letter_code
;GAVVGGLGGYMLGSAMSRPMMHFGN
;
_entity_poly.pdbx_strand_id   A,B,C,D,E,F,G,H,I,J,K,L,M,N,O,P,Q,R,S,T,U,V,X,Y
#
# COMPACT_ATOMS: atom_id res chain seq x y z
N GLY A 1 24.54 -19.06 5.90
CA GLY A 1 23.20 -18.63 5.54
C GLY A 1 22.58 -17.70 6.56
N ALA A 2 21.35 -17.99 6.97
CA ALA A 2 20.62 -17.18 7.92
C ALA A 2 20.33 -15.77 7.40
N VAL A 3 19.52 -15.66 6.36
CA VAL A 3 18.93 -14.39 5.94
C VAL A 3 17.70 -14.15 6.80
N VAL A 4 17.75 -13.11 7.63
CA VAL A 4 16.77 -12.90 8.70
C VAL A 4 16.12 -11.53 8.52
N GLY A 5 14.80 -11.52 8.41
CA GLY A 5 14.08 -10.26 8.33
C GLY A 5 14.00 -9.56 9.67
N GLY A 6 13.93 -8.24 9.62
CA GLY A 6 13.74 -7.44 10.81
C GLY A 6 12.34 -6.88 10.91
N LEU A 7 12.24 -5.59 11.18
CA LEU A 7 10.95 -4.91 11.30
C LEU A 7 10.89 -3.80 10.27
N GLY A 8 9.94 -3.90 9.36
CA GLY A 8 9.69 -2.84 8.41
C GLY A 8 8.22 -2.48 8.42
N GLY A 9 7.94 -1.19 8.35
CA GLY A 9 6.54 -0.83 8.37
C GLY A 9 6.29 0.65 8.26
N TYR A 10 5.00 0.96 8.27
CA TYR A 10 4.49 2.32 8.16
C TYR A 10 3.59 2.57 9.35
N MET A 11 3.82 3.66 10.05
CA MET A 11 2.92 4.14 11.09
C MET A 11 2.31 5.44 10.58
N LEU A 12 1.00 5.43 10.36
CA LEU A 12 0.28 6.57 9.84
C LEU A 12 -0.80 6.94 10.83
N GLY A 13 -0.64 8.10 11.47
CA GLY A 13 -1.60 8.55 12.47
C GLY A 13 -1.79 7.57 13.59
N SER A 14 -0.72 6.93 14.04
CA SER A 14 -0.79 5.83 14.97
C SER A 14 -0.01 6.15 16.23
N ALA A 15 -0.23 5.34 17.25
CA ALA A 15 0.40 5.52 18.54
C ALA A 15 0.97 4.19 19.00
N MET A 16 2.19 4.21 19.51
CA MET A 16 2.84 3.01 20.02
C MET A 16 3.60 3.39 21.28
N SER A 17 3.26 2.78 22.40
CA SER A 17 3.86 3.11 23.67
C SER A 17 4.88 2.05 24.06
N ARG A 18 6.06 2.49 24.50
CA ARG A 18 7.13 1.67 25.05
C ARG A 18 7.38 0.36 24.28
N PRO A 19 7.69 0.43 23.00
CA PRO A 19 8.06 -0.78 22.28
C PRO A 19 9.47 -1.22 22.63
N MET A 20 9.66 -2.53 22.66
CA MET A 20 10.96 -3.12 22.92
C MET A 20 11.28 -4.03 21.74
N MET A 21 12.29 -3.66 20.96
CA MET A 21 12.71 -4.43 19.80
C MET A 21 14.15 -4.86 19.98
N HIS A 22 14.37 -6.16 19.98
CA HIS A 22 15.71 -6.73 20.06
C HIS A 22 15.99 -7.50 18.78
N PHE A 23 16.98 -7.04 18.02
CA PHE A 23 17.42 -7.68 16.79
C PHE A 23 18.76 -8.35 17.08
N GLY A 24 18.72 -9.59 17.55
CA GLY A 24 19.94 -10.31 17.83
C GLY A 24 19.71 -11.52 18.71
N ASN A 25 20.82 -12.11 19.14
CA ASN A 25 20.93 -13.45 19.73
C ASN A 25 20.75 -14.52 18.67
N GLY B 1 13.54 -29.01 2.73
CA GLY B 1 12.18 -28.53 2.50
C GLY B 1 11.65 -27.66 3.61
N ALA B 2 10.45 -27.97 4.09
CA ALA B 2 9.78 -27.21 5.14
C ALA B 2 9.50 -25.77 4.74
N VAL B 3 8.61 -25.59 3.77
CA VAL B 3 8.03 -24.28 3.48
C VAL B 3 6.86 -24.07 4.43
N VAL B 4 6.99 -23.10 5.33
CA VAL B 4 6.09 -22.94 6.47
C VAL B 4 5.46 -21.55 6.42
N GLY B 5 4.13 -21.51 6.41
CA GLY B 5 3.44 -20.25 6.46
C GLY B 5 3.46 -19.63 7.85
N GLY B 6 3.40 -18.31 7.88
CA GLY B 6 3.31 -17.59 9.14
C GLY B 6 1.94 -17.02 9.38
N LEU B 7 1.88 -15.74 9.74
CA LEU B 7 0.62 -15.06 10.00
C LEU B 7 0.51 -13.88 9.05
N GLY B 8 -0.50 -13.90 8.21
CA GLY B 8 -0.80 -12.78 7.35
C GLY B 8 -2.25 -12.40 7.48
N GLY B 9 -2.52 -11.11 7.51
CA GLY B 9 -3.91 -10.73 7.66
C GLY B 9 -4.14 -9.24 7.66
N TYR B 10 -5.42 -8.91 7.79
CA TYR B 10 -5.90 -7.54 7.80
C TYR B 10 -6.72 -7.36 9.07
N MET B 11 -6.42 -6.32 9.82
CA MET B 11 -7.24 -5.90 10.95
C MET B 11 -7.86 -4.57 10.58
N LEU B 12 -9.18 -4.55 10.45
CA LEU B 12 -9.92 -3.35 10.05
C LEU B 12 -10.91 -3.03 11.14
N GLY B 13 -10.68 -1.92 11.84
CA GLY B 13 -11.56 -1.54 12.93
C GLY B 13 -11.70 -2.58 14.00
N SER B 14 -10.61 -3.26 14.33
CA SER B 14 -10.63 -4.43 15.19
C SER B 14 -9.76 -4.20 16.41
N ALA B 15 -9.93 -5.08 17.39
CA ALA B 15 -9.19 -4.99 18.64
C ALA B 15 -8.63 -6.35 18.97
N MET B 16 -7.37 -6.39 19.38
CA MET B 16 -6.71 -7.62 19.77
C MET B 16 -5.86 -7.34 21.00
N SER B 17 -6.14 -8.02 22.09
CA SER B 17 -5.44 -7.79 23.34
C SER B 17 -4.41 -8.89 23.58
N ARG B 18 -3.21 -8.49 23.97
CA ARG B 18 -2.11 -9.36 24.38
C ARG B 18 -1.93 -10.62 23.52
N PRO B 19 -1.72 -10.46 22.21
CA PRO B 19 -1.42 -11.63 21.40
C PRO B 19 0.00 -12.11 21.62
N MET B 20 0.17 -13.43 21.55
CA MET B 20 1.47 -14.06 21.67
C MET B 20 1.69 -14.89 20.42
N MET B 21 2.65 -14.47 19.60
CA MET B 21 2.97 -15.17 18.37
C MET B 21 4.41 -15.64 18.42
N HIS B 22 4.62 -16.94 18.31
CA HIS B 22 5.95 -17.52 18.26
C HIS B 22 6.12 -18.21 16.91
N PHE B 23 7.06 -17.72 16.12
CA PHE B 23 7.40 -18.29 14.82
C PHE B 23 8.75 -18.99 14.97
N GLY B 24 8.71 -20.26 15.36
CA GLY B 24 9.94 -21.01 15.50
C GLY B 24 9.74 -22.27 16.32
N ASN B 25 10.88 -22.90 16.62
CA ASN B 25 11.00 -24.28 17.12
C ASN B 25 10.73 -25.28 16.00
N GLY C 1 17.20 -25.75 3.64
CA GLY C 1 15.85 -25.28 3.35
C GLY C 1 15.28 -24.41 4.43
N ALA C 2 14.06 -24.71 4.87
CA ALA C 2 13.36 -23.94 5.89
C ALA C 2 13.08 -22.50 5.46
N VAL C 3 12.23 -22.33 4.45
CA VAL C 3 11.65 -21.03 4.12
C VAL C 3 10.45 -20.83 5.03
N VAL C 4 10.53 -19.83 5.92
CA VAL C 4 9.60 -19.67 7.02
C VAL C 4 8.96 -18.29 6.94
N GLY C 5 7.63 -18.26 6.88
CA GLY C 5 6.93 -16.99 6.89
C GLY C 5 6.90 -16.36 8.27
N GLY C 6 6.84 -15.04 8.29
CA GLY C 6 6.71 -14.31 9.53
C GLY C 6 5.32 -13.74 9.71
N LEU C 7 5.24 -12.46 10.05
CA LEU C 7 3.97 -11.78 10.25
C LEU C 7 3.88 -10.61 9.29
N GLY C 8 2.90 -10.66 8.42
CA GLY C 8 2.63 -9.54 7.52
C GLY C 8 1.16 -9.17 7.61
N GLY C 9 0.90 -7.87 7.61
CA GLY C 9 -0.50 -7.50 7.69
C GLY C 9 -0.74 -6.02 7.67
N TYR C 10 -2.02 -5.69 7.75
CA TYR C 10 -2.52 -4.33 7.73
C TYR C 10 -3.37 -4.13 8.97
N MET C 11 -3.11 -3.08 9.72
CA MET C 11 -3.96 -2.64 10.80
C MET C 11 -4.58 -1.33 10.40
N LEU C 12 -5.89 -1.31 10.21
CA LEU C 12 -6.62 -0.13 9.77
C LEU C 12 -7.65 0.20 10.83
N GLY C 13 -7.46 1.32 11.52
CA GLY C 13 -8.38 1.73 12.57
C GLY C 13 -8.54 0.69 13.65
N SER C 14 -7.46 0.02 14.03
CA SER C 14 -7.52 -1.14 14.90
C SER C 14 -6.69 -0.88 16.15
N ALA C 15 -6.88 -1.75 17.13
CA ALA C 15 -6.19 -1.64 18.41
C ALA C 15 -5.63 -3.00 18.77
N MET C 16 -4.38 -3.01 19.23
CA MET C 16 -3.74 -4.25 19.66
C MET C 16 -2.94 -3.93 20.91
N SER C 17 -3.25 -4.61 22.01
CA SER C 17 -2.59 -4.36 23.27
C SER C 17 -1.56 -5.45 23.57
N ARG C 18 -0.37 -5.03 23.99
CA ARG C 18 0.72 -5.89 24.45
C ARG C 18 0.93 -7.16 23.61
N PRO C 19 1.18 -7.03 22.31
CA PRO C 19 1.52 -8.20 21.52
C PRO C 19 2.93 -8.68 21.81
N MET C 20 3.11 -9.98 21.76
CA MET C 20 4.41 -10.61 21.94
C MET C 20 4.68 -11.45 20.70
N MET C 21 5.66 -11.06 19.91
CA MET C 21 6.03 -11.76 18.70
C MET C 21 7.47 -12.22 18.81
N HIS C 22 7.68 -13.53 18.72
CA HIS C 22 9.02 -14.10 18.72
C HIS C 22 9.24 -14.80 17.39
N PHE C 23 10.20 -14.32 16.63
CA PHE C 23 10.59 -14.90 15.35
C PHE C 23 11.94 -15.59 15.56
N GLY C 24 11.90 -16.86 15.97
CA GLY C 24 13.12 -17.60 16.16
C GLY C 24 12.90 -18.85 16.98
N ASN C 25 14.03 -19.47 17.33
CA ASN C 25 14.15 -20.84 17.86
C ASN C 25 13.91 -21.86 16.75
N GLY D 1 20.99 -22.31 4.84
CA GLY D 1 19.65 -21.87 4.52
C GLY D 1 19.05 -20.97 5.57
N ALA D 2 17.83 -21.27 5.99
CA ALA D 2 17.11 -20.48 6.98
C ALA D 2 16.81 -19.07 6.50
N VAL D 3 15.97 -18.94 5.48
CA VAL D 3 15.38 -17.66 5.10
C VAL D 3 14.17 -17.44 5.99
N VAL D 4 14.22 -16.42 6.84
CA VAL D 4 13.27 -16.24 7.93
C VAL D 4 12.61 -14.86 7.80
N GLY D 5 11.29 -14.85 7.71
CA GLY D 5 10.57 -13.59 7.68
C GLY D 5 10.52 -12.93 9.04
N GLY D 6 10.43 -11.60 9.02
CA GLY D 6 10.27 -10.83 10.24
C GLY D 6 8.88 -10.28 10.37
N LEU D 7 8.78 -9.00 10.67
CA LEU D 7 7.50 -8.32 10.85
C LEU D 7 7.41 -7.19 9.85
N GLY D 8 6.44 -7.26 8.95
CA GLY D 8 6.17 -6.18 8.03
C GLY D 8 4.70 -5.82 8.08
N GLY D 9 4.41 -4.54 8.04
CA GLY D 9 3.01 -4.19 8.10
C GLY D 9 2.76 -2.70 8.02
N TYR D 10 1.47 -2.38 8.07
CA TYR D 10 0.96 -1.03 8.00
C TYR D 10 0.08 -0.82 9.22
N MET D 11 0.32 0.26 9.94
CA MET D 11 -0.55 0.71 11.01
C MET D 11 -1.19 2.02 10.55
N LEU D 12 -2.49 2.00 10.35
CA LEU D 12 -3.23 3.17 9.86
C LEU D 12 -4.28 3.52 10.89
N GLY D 13 -4.11 4.65 11.56
CA GLY D 13 -5.06 5.08 12.58
C GLY D 13 -5.23 4.06 13.68
N SER D 14 -4.15 3.42 14.09
CA SER D 14 -4.20 2.30 15.00
C SER D 14 -3.39 2.59 16.26
N ALA D 15 -3.59 1.75 17.26
CA ALA D 15 -2.93 1.91 18.54
C ALA D 15 -2.36 0.56 18.96
N MET D 16 -1.13 0.57 19.44
CA MET D 16 -0.46 -0.64 19.91
C MET D 16 0.31 -0.28 21.16
N SER D 17 -0.01 -0.93 22.27
CA SER D 17 0.62 -0.64 23.55
C SER D 17 1.66 -1.69 23.88
N ARG D 18 2.83 -1.26 24.32
CA ARG D 18 3.92 -2.09 24.82
C ARG D 18 4.16 -3.38 24.02
N PRO D 19 4.45 -3.28 22.72
CA PRO D 19 4.81 -4.47 21.97
C PRO D 19 6.22 -4.91 22.29
N MET D 20 6.41 -6.23 22.28
CA MET D 20 7.71 -6.83 22.50
C MET D 20 8.02 -7.70 21.30
N MET D 21 9.01 -7.31 20.51
CA MET D 21 9.41 -8.05 19.32
C MET D 21 10.85 -8.49 19.46
N HIS D 22 11.08 -9.79 19.43
CA HIS D 22 12.42 -10.35 19.45
C HIS D 22 12.68 -11.08 18.16
N PHE D 23 13.65 -10.61 17.39
CA PHE D 23 14.06 -11.23 16.14
C PHE D 23 15.41 -11.89 16.39
N GLY D 24 15.38 -13.14 16.83
CA GLY D 24 16.61 -13.86 17.06
C GLY D 24 16.39 -15.10 17.92
N ASN D 25 17.52 -15.70 18.31
CA ASN D 25 17.65 -17.05 18.87
C ASN D 25 17.44 -18.09 17.79
N GLY E 1 10.01 -32.24 1.85
CA GLY E 1 8.65 -31.77 1.64
C GLY E 1 8.13 -30.92 2.78
N ALA E 2 6.93 -31.24 3.26
CA ALA E 2 6.28 -30.50 4.35
C ALA E 2 5.99 -29.06 3.97
N VAL E 3 5.08 -28.85 3.02
CA VAL E 3 4.50 -27.54 2.76
C VAL E 3 3.35 -27.35 3.74
N VAL E 4 3.48 -26.40 4.66
CA VAL E 4 2.59 -26.27 5.81
C VAL E 4 1.95 -24.89 5.80
N GLY E 5 0.63 -24.85 5.81
CA GLY E 5 -0.06 -23.59 5.90
C GLY E 5 -0.02 -23.01 7.30
N GLY E 6 -0.08 -21.69 7.37
CA GLY E 6 -0.16 -21.00 8.64
C GLY E 6 -1.53 -20.43 8.90
N LEU E 7 -1.59 -19.17 9.29
CA LEU E 7 -2.85 -18.49 9.59
C LEU E 7 -2.98 -17.29 8.67
N GLY E 8 -3.99 -17.30 7.83
CA GLY E 8 -4.30 -16.16 7.01
C GLY E 8 -5.76 -15.78 7.16
N GLY E 9 -6.02 -14.49 7.22
CA GLY E 9 -7.42 -14.12 7.40
C GLY E 9 -7.65 -12.63 7.44
N TYR E 10 -8.92 -12.31 7.58
CA TYR E 10 -9.41 -10.94 7.64
C TYR E 10 -10.21 -10.78 8.91
N MET E 11 -9.91 -9.76 9.69
CA MET E 11 -10.71 -9.37 10.83
C MET E 11 -11.35 -8.03 10.50
N LEU E 12 -12.66 -8.01 10.38
CA LEU E 12 -13.40 -6.81 10.02
C LEU E 12 -14.39 -6.52 11.14
N GLY E 13 -14.16 -5.43 11.86
CA GLY E 13 -15.02 -5.06 12.96
C GLY E 13 -15.14 -6.14 14.01
N SER E 14 -14.05 -6.82 14.30
CA SER E 14 -14.06 -8.01 15.14
C SER E 14 -13.18 -7.81 16.36
N ALA E 15 -13.34 -8.71 17.32
CA ALA E 15 -12.59 -8.65 18.56
C ALA E 15 -12.02 -10.02 18.85
N MET E 16 -10.75 -10.06 19.26
CA MET E 16 -10.09 -11.30 19.61
C MET E 16 -9.23 -11.04 20.83
N SER E 17 -9.49 -11.76 21.92
CA SER E 17 -8.77 -11.55 23.15
C SER E 17 -7.75 -12.65 23.36
N ARG E 18 -6.54 -12.27 23.75
CA ARG E 18 -5.43 -13.14 24.12
C ARG E 18 -5.27 -14.37 23.23
N PRO E 19 -5.07 -14.19 21.94
CA PRO E 19 -4.78 -15.35 21.09
C PRO E 19 -3.35 -15.83 21.27
N MET E 20 -3.19 -17.13 21.18
CA MET E 20 -1.87 -17.77 21.27
C MET E 20 -1.67 -18.56 20.00
N MET E 21 -0.72 -18.14 19.18
CA MET E 21 -0.41 -18.79 17.92
C MET E 21 1.03 -19.27 17.95
N HIS E 22 1.23 -20.57 17.80
CA HIS E 22 2.56 -21.14 17.72
C HIS E 22 2.72 -21.80 16.36
N PHE E 23 3.65 -21.29 15.57
CA PHE E 23 3.98 -21.82 14.26
C PHE E 23 5.33 -22.53 14.38
N GLY E 24 5.30 -23.81 14.74
CA GLY E 24 6.53 -24.55 14.85
C GLY E 24 6.35 -25.84 15.64
N ASN E 25 7.48 -26.48 15.91
CA ASN E 25 7.62 -27.87 16.38
C ASN E 25 7.33 -28.84 15.23
N GLY F 1 27.85 -16.04 6.74
CA GLY F 1 26.52 -15.59 6.34
C GLY F 1 25.90 -14.63 7.32
N ALA F 2 24.65 -14.90 7.70
CA ALA F 2 23.90 -14.05 8.62
C ALA F 2 23.66 -12.65 8.07
N VAL F 3 22.86 -12.56 7.01
CA VAL F 3 22.30 -11.29 6.54
C VAL F 3 21.06 -11.01 7.38
N VAL F 4 21.10 -9.96 8.18
CA VAL F 4 20.11 -9.70 9.21
C VAL F 4 19.48 -8.34 8.99
N GLY F 5 18.16 -8.30 8.85
CA GLY F 5 17.47 -7.03 8.72
C GLY F 5 17.37 -6.30 10.04
N GLY F 6 17.31 -4.98 9.95
CA GLY F 6 17.12 -4.16 11.12
C GLY F 6 15.73 -3.56 11.18
N LEU F 7 15.63 -2.27 11.41
CA LEU F 7 14.36 -1.57 11.50
C LEU F 7 14.33 -0.49 10.44
N GLY F 8 13.40 -0.59 9.52
CA GLY F 8 13.18 0.45 8.53
C GLY F 8 11.72 0.83 8.49
N GLY F 9 11.46 2.12 8.38
CA GLY F 9 10.06 2.50 8.36
C GLY F 9 9.83 3.98 8.20
N TYR F 10 8.56 4.31 8.18
CA TYR F 10 8.07 5.67 8.03
C TYR F 10 7.14 5.96 9.20
N MET F 11 7.38 7.07 9.88
CA MET F 11 6.46 7.59 10.88
C MET F 11 5.88 8.88 10.33
N LEU F 12 4.58 8.88 10.08
CA LEU F 12 3.88 10.02 9.51
C LEU F 12 2.79 10.44 10.47
N GLY F 13 2.96 11.61 11.08
CA GLY F 13 1.99 12.09 12.05
C GLY F 13 1.75 11.14 13.20
N SER F 14 2.81 10.50 13.68
CA SER F 14 2.69 9.42 14.64
C SER F 14 3.45 9.77 15.90
N ALA F 15 3.20 8.98 16.95
CA ALA F 15 3.82 9.19 18.24
C ALA F 15 4.35 7.86 18.75
N MET F 16 5.56 7.88 19.27
CA MET F 16 6.18 6.69 19.84
C MET F 16 6.91 7.09 21.10
N SER F 17 6.54 6.51 22.22
CA SER F 17 7.12 6.86 23.51
C SER F 17 8.12 5.80 23.93
N ARG F 18 9.29 6.24 24.39
CA ARG F 18 10.34 5.41 24.98
C ARG F 18 10.59 4.09 24.26
N PRO F 19 10.92 4.12 22.97
CA PRO F 19 11.29 2.88 22.30
C PRO F 19 12.69 2.43 22.69
N MET F 20 12.86 1.12 22.76
CA MET F 20 14.15 0.50 23.06
C MET F 20 14.48 -0.43 21.91
N MET F 21 15.51 -0.09 21.15
CA MET F 21 15.94 -0.89 20.01
C MET F 21 17.37 -1.35 20.24
N HIS F 22 17.58 -2.65 20.27
CA HIS F 22 18.90 -3.23 20.38
C HIS F 22 19.19 -4.04 19.14
N PHE F 23 20.21 -3.61 18.39
CA PHE F 23 20.66 -4.30 17.19
C PHE F 23 21.98 -4.98 17.52
N GLY F 24 21.91 -6.20 18.02
CA GLY F 24 23.12 -6.92 18.34
C GLY F 24 22.85 -8.11 19.25
N ASN F 25 23.95 -8.70 19.71
CA ASN F 25 24.03 -10.03 20.34
C ASN F 25 23.86 -11.12 19.31
N GLY G 1 1.36 9.27 30.72
CA GLY G 1 1.10 8.52 29.50
C GLY G 1 0.54 9.38 28.39
N ALA G 2 -0.55 8.92 27.76
CA ALA G 2 -1.18 9.61 26.65
C ALA G 2 -0.26 9.71 25.43
N VAL G 3 0.05 8.57 24.82
CA VAL G 3 0.66 8.53 23.50
C VAL G 3 -0.46 8.66 22.47
N VAL G 4 -0.48 9.75 21.72
CA VAL G 4 -1.61 10.14 20.89
C VAL G 4 -1.14 10.29 19.45
N GLY G 5 -1.78 9.53 18.54
CA GLY G 5 -1.47 9.67 17.14
C GLY G 5 -2.07 10.94 16.55
N GLY G 6 -1.41 11.45 15.51
CA GLY G 6 -1.92 12.59 14.78
C GLY G 6 -2.45 12.20 13.43
N LEU G 7 -2.04 12.92 12.39
CA LEU G 7 -2.47 12.67 11.03
C LEU G 7 -1.25 12.37 10.17
N GLY G 8 -1.20 11.18 9.63
CA GLY G 8 -0.16 10.82 8.68
C GLY G 8 -0.77 10.24 7.44
N GLY G 9 -0.22 10.61 6.29
CA GLY G 9 -0.81 10.08 5.08
C GLY G 9 -0.13 10.53 3.82
N TYR G 10 -0.66 10.03 2.72
CA TYR G 10 -0.17 10.29 1.39
C TYR G 10 -1.34 10.82 0.56
N MET G 11 -1.14 11.94 -0.10
CA MET G 11 -2.09 12.47 -1.08
C MET G 11 -1.42 12.36 -2.43
N LEU G 12 -1.98 11.53 -3.30
CA LEU G 12 -1.43 11.28 -4.63
C LEU G 12 -2.49 11.64 -5.64
N GLY G 13 -2.26 12.70 -6.40
CA GLY G 13 -3.22 13.16 -7.39
C GLY G 13 -4.58 13.45 -6.81
N SER G 14 -4.62 14.04 -5.64
CA SER G 14 -5.85 14.20 -4.87
C SER G 14 -6.12 15.67 -4.61
N ALA G 15 -7.34 15.94 -4.18
CA ALA G 15 -7.77 17.31 -3.90
C ALA G 15 -8.46 17.33 -2.54
N MET G 16 -8.12 18.34 -1.75
CA MET G 16 -8.73 18.52 -0.43
C MET G 16 -8.97 20.00 -0.23
N SER G 17 -10.23 20.37 -0.02
CA SER G 17 -10.60 21.77 0.12
C SER G 17 -10.84 22.10 1.59
N ARG G 18 -10.28 23.21 2.04
CA ARG G 18 -10.48 23.80 3.37
C ARG G 18 -10.49 22.78 4.51
N PRO G 19 -9.42 22.02 4.68
CA PRO G 19 -9.35 21.14 5.84
C PRO G 19 -9.05 21.92 7.11
N MET G 20 -9.63 21.45 8.21
CA MET G 20 -9.40 22.03 9.53
C MET G 20 -8.89 20.93 10.43
N MET G 21 -7.64 21.03 10.84
CA MET G 21 -7.02 20.04 11.71
C MET G 21 -6.58 20.71 13.00
N HIS G 22 -7.12 20.25 14.12
CA HIS G 22 -6.73 20.73 15.43
C HIS G 22 -6.10 19.58 16.21
N PHE G 23 -4.83 19.73 16.55
CA PHE G 23 -4.09 18.76 17.34
C PHE G 23 -3.90 19.35 18.74
N GLY G 24 -4.87 19.13 19.61
CA GLY G 24 -4.75 19.63 20.96
C GLY G 24 -6.08 19.63 21.68
N ASN G 25 -6.07 20.25 22.86
CA ASN G 25 -7.09 20.14 23.92
C ASN G 25 -7.01 18.79 24.61
N GLY H 1 -1.80 5.37 30.82
CA GLY H 1 -2.09 4.65 29.59
C GLY H 1 -2.66 5.54 28.51
N ALA H 2 -3.76 5.10 27.90
CA ALA H 2 -4.41 5.83 26.82
C ALA H 2 -3.53 5.96 25.58
N VAL H 3 -3.24 4.83 24.93
CA VAL H 3 -2.67 4.83 23.60
C VAL H 3 -3.81 4.99 22.60
N VAL H 4 -3.82 6.11 21.89
CA VAL H 4 -4.97 6.52 21.09
C VAL H 4 -4.54 6.70 19.65
N GLY H 5 -5.21 5.98 18.74
CA GLY H 5 -4.93 6.16 17.32
C GLY H 5 -5.53 7.44 16.78
N GLY H 6 -4.88 7.97 15.75
CA GLY H 6 -5.40 9.14 15.05
C GLY H 6 -5.96 8.80 13.70
N LEU H 7 -5.57 9.54 12.68
CA LEU H 7 -6.03 9.33 11.32
C LEU H 7 -4.84 9.04 10.43
N GLY H 8 -4.81 7.86 9.85
CA GLY H 8 -3.79 7.51 8.88
C GLY H 8 -4.44 6.98 7.63
N GLY H 9 -3.91 7.38 6.48
CA GLY H 9 -4.54 6.88 5.28
C GLY H 9 -3.88 7.35 4.01
N TYR H 10 -4.44 6.89 2.90
CA TYR H 10 -3.99 7.18 1.56
C TYR H 10 -5.16 7.75 0.79
N MET H 11 -4.97 8.88 0.16
CA MET H 11 -5.93 9.45 -0.78
C MET H 11 -5.30 9.36 -2.17
N LEU H 12 -5.88 8.56 -3.04
CA LEU H 12 -5.37 8.35 -4.39
C LEU H 12 -6.46 8.75 -5.37
N GLY H 13 -6.23 9.82 -6.11
CA GLY H 13 -7.20 10.31 -7.06
C GLY H 13 -8.55 10.60 -6.44
N SER H 14 -8.55 11.16 -5.25
CA SER H 14 -9.77 11.31 -4.45
C SER H 14 -10.01 12.78 -4.15
N ALA H 15 -11.22 13.06 -3.67
CA ALA H 15 -11.63 14.41 -3.36
C ALA H 15 -12.28 14.41 -1.99
N MET H 16 -11.92 15.38 -1.16
CA MET H 16 -12.49 15.53 0.16
C MET H 16 -12.73 17.01 0.41
N SER H 17 -13.96 17.39 0.67
CA SER H 17 -14.32 18.79 0.86
C SER H 17 -14.52 19.08 2.33
N ARG H 18 -13.95 20.19 2.80
CA ARG H 18 -14.11 20.73 4.14
C ARG H 18 -14.10 19.69 5.26
N PRO H 19 -13.03 18.90 5.39
CA PRO H 19 -12.95 17.99 6.53
C PRO H 19 -12.62 18.73 7.82
N MET H 20 -13.17 18.25 8.90
CA MET H 20 -12.91 18.78 10.23
C MET H 20 -12.39 17.65 11.10
N MET H 21 -11.12 17.74 11.48
CA MET H 21 -10.49 16.72 12.31
C MET H 21 -10.02 17.34 13.60
N HIS H 22 -10.54 16.86 14.71
CA HIS H 22 -10.12 17.30 16.03
C HIS H 22 -9.48 16.13 16.76
N PHE H 23 -8.20 16.26 17.08
CA PHE H 23 -7.46 15.26 17.83
C PHE H 23 -7.23 15.82 19.23
N GLY H 24 -8.18 15.57 20.12
CA GLY H 24 -8.02 16.04 21.48
C GLY H 24 -9.34 16.03 22.24
N ASN H 25 -9.29 16.61 23.43
CA ASN H 25 -10.29 16.49 24.51
C ASN H 25 -10.20 15.12 25.16
N GLY I 1 -4.89 1.38 30.83
CA GLY I 1 -5.21 0.69 29.59
C GLY I 1 -5.80 1.62 28.54
N ALA I 2 -6.92 1.20 27.95
CA ALA I 2 -7.58 1.97 26.90
C ALA I 2 -6.72 2.11 25.65
N VAL I 3 -6.47 1.01 24.96
CA VAL I 3 -5.92 1.03 23.62
C VAL I 3 -7.07 1.22 22.65
N VAL I 4 -7.09 2.36 21.96
CA VAL I 4 -8.25 2.80 21.20
C VAL I 4 -7.85 3.02 19.75
N GLY I 5 -8.54 2.32 18.84
CA GLY I 5 -8.29 2.53 17.42
C GLY I 5 -8.89 3.83 16.92
N GLY I 6 -8.26 4.38 15.89
CA GLY I 6 -8.77 5.57 15.24
C GLY I 6 -9.37 5.27 13.89
N LEU I 7 -8.98 6.03 12.88
CA LEU I 7 -9.49 5.86 11.53
C LEU I 7 -8.31 5.58 10.60
N GLY I 8 -8.30 4.42 10.00
CA GLY I 8 -7.31 4.09 8.99
C GLY I 8 -7.99 3.59 7.74
N GLY I 9 -7.49 4.01 6.60
CA GLY I 9 -8.14 3.55 5.39
C GLY I 9 -7.50 4.05 4.12
N TYR I 10 -8.10 3.61 3.02
CA TYR I 10 -7.66 3.94 1.68
C TYR I 10 -8.85 4.54 0.95
N MET I 11 -8.66 5.68 0.33
CA MET I 11 -9.63 6.28 -0.57
C MET I 11 -9.03 6.23 -1.97
N LEU I 12 -9.64 5.45 -2.85
CA LEU I 12 -9.15 5.27 -4.21
C LEU I 12 -10.26 5.70 -5.16
N GLY I 13 -10.03 6.79 -5.87
CA GLY I 13 -11.02 7.31 -6.80
C GLY I 13 -12.35 7.60 -6.15
N SER I 14 -12.32 8.13 -4.94
CA SER I 14 -13.52 8.27 -4.11
C SER I 14 -13.75 9.74 -3.77
N ALA I 15 -14.93 10.01 -3.26
CA ALA I 15 -15.33 11.36 -2.90
C ALA I 15 -15.94 11.34 -1.52
N MET I 16 -15.56 12.29 -0.68
CA MET I 16 -16.11 12.40 0.66
C MET I 16 -16.31 13.88 0.96
N SER I 17 -17.54 14.27 1.24
CA SER I 17 -17.88 15.66 1.47
C SER I 17 -18.05 15.92 2.96
N ARG I 18 -17.46 17.00 3.44
CA ARG I 18 -17.59 17.52 4.81
C ARG I 18 -17.56 16.45 5.89
N PRO I 19 -16.50 15.65 5.98
CA PRO I 19 -16.41 14.71 7.09
C PRO I 19 -16.03 15.42 8.39
N MET I 20 -16.58 14.91 9.48
CA MET I 20 -16.28 15.42 10.81
C MET I 20 -15.76 14.26 11.63
N MET I 21 -14.48 14.31 12.00
CA MET I 21 -13.84 13.27 12.79
C MET I 21 -13.35 13.87 14.08
N HIS I 22 -13.84 13.35 15.20
CA HIS I 22 -13.38 13.76 16.52
C HIS I 22 -12.75 12.56 17.20
N PHE I 23 -11.46 12.66 17.50
CA PHE I 23 -10.71 11.65 18.21
C PHE I 23 -10.45 12.16 19.62
N GLY I 24 -11.38 11.91 20.52
CA GLY I 24 -11.20 12.34 21.89
C GLY I 24 -12.50 12.33 22.67
N ASN I 25 -12.41 12.87 23.88
CA ASN I 25 -13.39 12.74 24.98
C ASN I 25 -13.31 11.36 25.59
N GLY J 1 -7.85 -2.39 30.91
CA GLY J 1 -8.21 -3.05 29.67
C GLY J 1 -8.81 -2.12 28.65
N ALA J 2 -9.95 -2.51 28.07
CA ALA J 2 -10.63 -1.73 27.06
C ALA J 2 -9.80 -1.56 25.79
N VAL J 3 -9.55 -2.65 25.08
CA VAL J 3 -9.04 -2.61 23.72
C VAL J 3 -10.22 -2.40 22.78
N VAL J 4 -10.25 -1.24 22.11
CA VAL J 4 -11.43 -0.79 21.39
C VAL J 4 -11.06 -0.55 19.93
N GLY J 5 -11.76 -1.22 19.02
CA GLY J 5 -11.55 -0.99 17.61
C GLY J 5 -12.15 0.32 17.15
N GLY J 6 -11.55 0.90 16.11
CA GLY J 6 -12.08 2.09 15.50
C GLY J 6 -12.71 1.82 14.15
N LEU J 7 -12.34 2.60 13.14
CA LEU J 7 -12.87 2.45 11.80
C LEU J 7 -11.71 2.19 10.85
N GLY J 8 -11.73 1.03 10.22
CA GLY J 8 -10.76 0.73 9.19
C GLY J 8 -11.46 0.25 7.95
N GLY J 9 -10.98 0.69 6.80
CA GLY J 9 -11.66 0.26 5.60
C GLY J 9 -11.05 0.78 4.32
N TYR J 10 -11.67 0.36 3.23
CA TYR J 10 -11.27 0.72 1.88
C TYR J 10 -12.47 1.33 1.19
N MET J 11 -12.28 2.49 0.60
CA MET J 11 -13.28 3.09 -0.29
C MET J 11 -12.71 3.07 -1.69
N LEU J 12 -13.34 2.31 -2.57
CA LEU J 12 -12.89 2.15 -3.94
C LEU J 12 -14.01 2.60 -4.86
N GLY J 13 -13.80 3.71 -5.57
CA GLY J 13 -14.81 4.25 -6.45
C GLY J 13 -16.12 4.52 -5.76
N SER J 14 -16.08 5.03 -4.54
CA SER J 14 -17.25 5.15 -3.70
C SER J 14 -17.47 6.60 -3.32
N ALA J 15 -18.64 6.88 -2.78
CA ALA J 15 -19.03 8.22 -2.39
C ALA J 15 -19.62 8.17 -0.99
N MET J 16 -19.22 9.10 -0.14
CA MET J 16 -19.73 9.19 1.21
C MET J 16 -19.93 10.66 1.54
N SER J 17 -21.16 11.05 1.85
CA SER J 17 -21.49 12.43 2.12
C SER J 17 -21.63 12.65 3.61
N ARG J 18 -21.02 13.73 4.10
CA ARG J 18 -21.13 14.22 5.48
C ARG J 18 -21.07 13.13 6.55
N PRO J 19 -20.02 12.34 6.60
CA PRO J 19 -19.89 11.37 7.69
C PRO J 19 -19.49 12.06 8.99
N MET J 20 -20.01 11.53 10.08
CA MET J 20 -19.69 12.01 11.41
C MET J 20 -19.14 10.83 12.20
N MET J 21 -17.86 10.89 12.54
CA MET J 21 -17.20 9.84 13.29
C MET J 21 -16.67 10.40 14.59
N HIS J 22 -17.15 9.86 15.71
CA HIS J 22 -16.67 10.25 17.02
C HIS J 22 -16.01 9.04 17.68
N PHE J 23 -14.72 9.14 17.94
CA PHE J 23 -13.96 8.10 18.61
C PHE J 23 -13.66 8.59 20.03
N GLY J 24 -14.57 8.33 20.95
CA GLY J 24 -14.36 8.74 22.33
C GLY J 24 -15.64 8.70 23.12
N ASN J 25 -15.53 9.22 24.35
CA ASN J 25 -16.48 9.07 25.46
C ASN J 25 -16.38 7.67 26.05
N GLY K 1 -10.82 -6.30 30.87
CA GLY K 1 -11.21 -6.93 29.62
C GLY K 1 -11.84 -5.96 28.64
N ALA K 2 -12.98 -6.34 28.08
CA ALA K 2 -13.70 -5.54 27.09
C ALA K 2 -12.90 -5.34 25.81
N VAL K 3 -12.68 -6.42 25.08
CA VAL K 3 -12.19 -6.35 23.70
C VAL K 3 -13.39 -6.12 22.80
N VAL K 4 -13.44 -4.96 22.16
CA VAL K 4 -14.64 -4.48 21.47
C VAL K 4 -14.31 -4.21 20.01
N GLY K 5 -15.03 -4.86 19.11
CA GLY K 5 -14.86 -4.60 17.69
C GLY K 5 -15.46 -3.27 17.28
N GLY K 6 -14.89 -2.68 16.24
CA GLY K 6 -15.43 -1.47 15.66
C GLY K 6 -16.08 -1.72 14.33
N LEU K 7 -15.75 -0.91 13.33
CA LEU K 7 -16.31 -1.03 12.00
C LEU K 7 -15.19 -1.28 11.01
N GLY K 8 -15.22 -2.41 10.36
CA GLY K 8 -14.27 -2.70 9.30
C GLY K 8 -15.01 -3.15 8.06
N GLY K 9 -14.56 -2.69 6.90
CA GLY K 9 -15.26 -3.09 5.71
C GLY K 9 -14.69 -2.55 4.44
N TYR K 10 -15.33 -2.94 3.36
CA TYR K 10 -14.97 -2.55 2.01
C TYR K 10 -16.18 -1.93 1.36
N MET K 11 -16.02 -0.76 0.78
CA MET K 11 -17.03 -0.12 -0.05
C MET K 11 -16.50 -0.12 -1.48
N LEU K 12 -17.14 -0.86 -2.35
CA LEU K 12 -16.74 -1.00 -3.75
C LEU K 12 -17.87 -0.52 -4.62
N GLY K 13 -17.68 0.60 -5.31
CA GLY K 13 -18.71 1.15 -6.16
C GLY K 13 -20.00 1.42 -5.43
N SER K 14 -19.93 1.91 -4.20
CA SER K 14 -21.07 2.02 -3.33
C SER K 14 -21.28 3.47 -2.91
N ALA K 15 -22.44 3.73 -2.33
CA ALA K 15 -22.81 5.06 -1.90
C ALA K 15 -23.36 4.97 -0.49
N MET K 16 -22.93 5.90 0.36
CA MET K 16 -23.41 5.96 1.73
C MET K 16 -23.60 7.42 2.09
N SER K 17 -24.82 7.79 2.44
CA SER K 17 -25.13 9.19 2.75
C SER K 17 -25.24 9.38 4.26
N ARG K 18 -24.61 10.44 4.75
CA ARG K 18 -24.68 10.91 6.14
C ARG K 18 -24.61 9.79 7.19
N PRO K 19 -23.54 8.99 7.19
CA PRO K 19 -23.40 8.01 8.26
C PRO K 19 -22.97 8.66 9.55
N MET K 20 -23.46 8.11 10.65
CA MET K 20 -23.10 8.56 11.99
C MET K 20 -22.54 7.37 12.73
N MET K 21 -21.24 7.41 13.04
CA MET K 21 -20.58 6.33 13.76
C MET K 21 -20.01 6.87 15.06
N HIS K 22 -20.46 6.32 16.17
CA HIS K 22 -19.94 6.67 17.48
C HIS K 22 -19.28 5.44 18.09
N PHE K 23 -17.98 5.53 18.32
CA PHE K 23 -17.19 4.48 18.96
C PHE K 23 -16.87 4.94 20.37
N GLY K 24 -17.75 4.66 21.31
CA GLY K 24 -17.51 5.04 22.68
C GLY K 24 -18.77 4.99 23.52
N ASN K 25 -18.62 5.49 24.75
CA ASN K 25 -19.55 5.31 25.88
C ASN K 25 -19.44 3.90 26.44
N GLY L 1 4.62 12.83 30.29
CA GLY L 1 4.35 12.07 29.08
C GLY L 1 3.82 12.91 27.95
N ALA L 2 2.73 12.45 27.33
CA ALA L 2 2.10 13.13 26.21
C ALA L 2 3.03 13.21 24.99
N VAL L 3 3.34 12.07 24.39
CA VAL L 3 3.96 12.01 23.07
C VAL L 3 2.83 12.12 22.04
N VAL L 4 2.83 13.21 21.28
CA VAL L 4 1.71 13.60 20.43
C VAL L 4 2.18 13.72 18.99
N GLY L 5 1.55 12.96 18.10
CA GLY L 5 1.86 13.09 16.69
C GLY L 5 1.28 14.35 16.08
N GLY L 6 1.95 14.84 15.04
CA GLY L 6 1.46 15.97 14.30
C GLY L 6 0.93 15.58 12.94
N LEU L 7 1.36 16.28 11.90
CA LEU L 7 0.93 16.02 10.54
C LEU L 7 2.14 15.70 9.70
N GLY L 8 2.19 14.50 9.16
CA GLY L 8 3.24 14.12 8.23
C GLY L 8 2.64 13.53 6.99
N GLY L 9 3.19 13.88 5.84
CA GLY L 9 2.60 13.35 4.64
C GLY L 9 3.30 13.77 3.37
N TYR L 10 2.76 13.26 2.28
CA TYR L 10 3.25 13.51 0.94
C TYR L 10 2.10 14.03 0.11
N MET L 11 2.31 15.15 -0.56
CA MET L 11 1.38 15.67 -1.56
C MET L 11 2.05 15.54 -2.91
N LEU L 12 1.49 14.70 -3.77
CA LEU L 12 2.04 14.43 -5.09
C LEU L 12 0.98 14.80 -6.12
N GLY L 13 1.23 15.84 -6.89
CA GLY L 13 0.28 16.29 -7.89
C GLY L 13 -1.08 16.60 -7.32
N SER L 14 -1.13 17.20 -6.15
CA SER L 14 -2.35 17.38 -5.41
C SER L 14 -2.62 18.85 -5.16
N ALA L 15 -3.83 19.15 -4.72
CA ALA L 15 -4.26 20.51 -4.47
C ALA L 15 -4.95 20.55 -3.13
N MET L 16 -4.61 21.56 -2.33
CA MET L 16 -5.23 21.76 -1.02
C MET L 16 -5.47 23.25 -0.84
N SER L 17 -6.72 23.63 -0.65
CA SER L 17 -7.08 25.04 -0.52
C SER L 17 -7.33 25.38 0.95
N ARG L 18 -6.76 26.50 1.38
CA ARG L 18 -6.98 27.10 2.70
C ARG L 18 -6.99 26.10 3.86
N PRO L 19 -5.93 25.33 4.05
CA PRO L 19 -5.88 24.46 5.22
C PRO L 19 -5.58 25.26 6.48
N MET L 20 -6.17 24.81 7.58
CA MET L 20 -5.94 25.40 8.89
C MET L 20 -5.44 24.30 9.81
N MET L 21 -4.19 24.40 10.23
CA MET L 21 -3.57 23.42 11.11
C MET L 21 -3.15 24.11 12.39
N HIS L 22 -3.70 23.66 13.51
CA HIS L 22 -3.31 24.15 14.82
C HIS L 22 -2.69 23.01 15.61
N PHE L 23 -1.43 23.15 15.96
CA PHE L 23 -0.70 22.19 16.77
C PHE L 23 -0.52 22.80 18.15
N GLY L 24 -1.48 22.59 19.03
CA GLY L 24 -1.37 23.11 20.38
C GLY L 24 -2.71 23.12 21.09
N ASN L 25 -2.70 23.76 22.27
CA ASN L 25 -3.72 23.68 23.32
C ASN L 25 -3.65 22.32 24.02
N GLY M 1 -13.30 28.87 -6.20
CA GLY M 1 -13.07 27.49 -5.81
C GLY M 1 -12.23 26.73 -6.83
N ALA M 2 -12.70 25.54 -7.21
CA ALA M 2 -11.99 24.68 -8.16
C ALA M 2 -10.65 24.21 -7.62
N VAL M 3 -10.66 23.40 -6.57
CA VAL M 3 -9.50 22.64 -6.14
C VAL M 3 -9.43 21.37 -6.98
N VAL M 4 -8.39 21.27 -7.81
CA VAL M 4 -8.31 20.25 -8.86
C VAL M 4 -7.06 19.42 -8.66
N GLY M 5 -7.24 18.10 -8.53
CA GLY M 5 -6.10 17.22 -8.45
C GLY M 5 -5.41 17.01 -9.78
N GLY M 6 -4.11 16.74 -9.72
CA GLY M 6 -3.35 16.43 -10.90
C GLY M 6 -3.00 14.97 -10.98
N LEU M 7 -1.74 14.68 -11.24
CA LEU M 7 -1.25 13.31 -11.35
C LEU M 7 -0.16 13.09 -10.31
N GLY M 8 -0.40 12.18 -9.39
CA GLY M 8 0.61 11.79 -8.43
C GLY M 8 0.76 10.29 -8.42
N GLY M 9 1.99 9.82 -8.33
CA GLY M 9 2.14 8.39 -8.34
C GLY M 9 3.56 7.92 -8.22
N TYR M 10 3.69 6.60 -8.21
CA TYR M 10 4.97 5.91 -8.08
C TYR M 10 5.08 4.96 -9.26
N MET M 11 6.20 5.02 -9.96
CA MET M 11 6.54 4.04 -10.99
C MET M 11 7.73 3.26 -10.47
N LEU M 12 7.53 1.97 -10.22
CA LEU M 12 8.56 1.10 -9.68
C LEU M 12 8.78 -0.03 -10.67
N GLY M 13 9.95 -0.06 -11.30
CA GLY M 13 10.26 -1.08 -12.28
C GLY M 13 9.26 -1.14 -13.41
N SER M 14 8.79 0.00 -13.87
CA SER M 14 7.69 0.08 -14.81
C SER M 14 8.12 0.79 -16.08
N ALA M 15 7.29 0.68 -17.10
CA ALA M 15 7.56 1.26 -18.40
C ALA M 15 6.33 2.00 -18.87
N MET M 16 6.53 3.20 -19.39
CA MET M 16 5.44 4.01 -19.92
C MET M 16 5.94 4.69 -21.19
N SER M 17 5.28 4.42 -22.30
CA SER M 17 5.70 4.96 -23.58
C SER M 17 4.79 6.12 -23.99
N ARG M 18 5.40 7.21 -24.44
CA ARG M 18 4.75 8.38 -25.01
C ARG M 18 3.49 8.84 -24.25
N PRO M 19 3.61 9.14 -22.97
CA PRO M 19 2.45 9.69 -22.27
C PRO M 19 2.23 11.16 -22.64
N MET M 20 0.96 11.53 -22.68
CA MET M 20 0.55 12.90 -22.95
C MET M 20 -0.30 13.36 -21.78
N MET M 21 0.22 14.31 -21.01
CA MET M 21 -0.49 14.86 -19.86
C MET M 21 -0.71 16.34 -20.07
N HIS M 22 -1.97 16.75 -20.08
CA HIS M 22 -2.33 18.16 -20.17
C HIS M 22 -3.05 18.56 -18.90
N PHE M 23 -2.47 19.48 -18.15
CA PHE M 23 -3.04 20.03 -16.94
C PHE M 23 -3.51 21.45 -17.25
N GLY M 24 -4.74 21.58 -17.72
CA GLY M 24 -5.27 22.89 -18.01
C GLY M 24 -6.49 22.82 -18.90
N ASN M 25 -6.91 24.01 -19.34
CA ASN M 25 -8.23 24.31 -19.95
C ASN M 25 -9.31 24.30 -18.88
N GLY N 1 -17.13 25.95 -5.50
CA GLY N 1 -16.89 24.55 -5.15
C GLY N 1 -16.08 23.81 -6.18
N ALA N 2 -16.55 22.63 -6.57
CA ALA N 2 -15.86 21.78 -7.53
C ALA N 2 -14.50 21.31 -7.02
N VAL N 3 -14.50 20.48 -5.98
CA VAL N 3 -13.32 19.73 -5.58
C VAL N 3 -13.27 18.46 -6.43
N VAL N 4 -12.24 18.36 -7.28
CA VAL N 4 -12.18 17.37 -8.35
C VAL N 4 -10.92 16.53 -8.18
N GLY N 5 -11.09 15.22 -8.05
CA GLY N 5 -9.96 14.33 -7.99
C GLY N 5 -9.28 14.15 -9.35
N GLY N 6 -7.99 13.88 -9.30
CA GLY N 6 -7.24 13.58 -10.50
C GLY N 6 -6.88 12.11 -10.60
N LEU N 7 -5.62 11.83 -10.88
CA LEU N 7 -5.14 10.46 -11.02
C LEU N 7 -4.03 10.24 -10.00
N GLY N 8 -4.26 9.32 -9.09
CA GLY N 8 -3.24 8.91 -8.14
C GLY N 8 -3.09 7.41 -8.15
N GLY N 9 -1.86 6.95 -8.09
CA GLY N 9 -1.71 5.51 -8.11
C GLY N 9 -0.27 5.04 -8.01
N TYR N 10 -0.14 3.73 -8.03
CA TYR N 10 1.12 3.03 -7.93
C TYR N 10 1.22 2.10 -9.12
N MET N 11 2.34 2.18 -9.83
CA MET N 11 2.67 1.22 -10.88
C MET N 11 3.87 0.42 -10.39
N LEU N 12 3.67 -0.87 -10.16
CA LEU N 12 4.71 -1.75 -9.64
C LEU N 12 4.91 -2.87 -10.64
N GLY N 13 6.07 -2.88 -11.29
CA GLY N 13 6.37 -3.89 -12.29
C GLY N 13 5.36 -3.94 -13.41
N SER N 14 4.88 -2.79 -13.85
CA SER N 14 3.76 -2.70 -14.76
C SER N 14 4.19 -1.98 -16.04
N ALA N 15 3.34 -2.08 -17.04
CA ALA N 15 3.60 -1.47 -18.34
C ALA N 15 2.36 -0.73 -18.79
N MET N 16 2.55 0.49 -19.29
CA MET N 16 1.46 1.29 -19.80
C MET N 16 1.93 1.99 -21.06
N SER N 17 1.25 1.74 -22.17
CA SER N 17 1.66 2.29 -23.46
C SER N 17 0.75 3.45 -23.82
N ARG N 18 1.36 4.55 -24.28
CA ARG N 18 0.69 5.74 -24.82
C ARG N 18 -0.56 6.17 -24.04
N PRO N 19 -0.43 6.46 -22.75
CA PRO N 19 -1.57 7.01 -22.03
C PRO N 19 -1.81 8.47 -22.37
N MET N 20 -3.07 8.84 -22.39
CA MET N 20 -3.49 10.20 -22.64
C MET N 20 -4.32 10.66 -21.47
N MET N 21 -3.81 11.60 -20.69
CA MET N 21 -4.49 12.12 -19.52
C MET N 21 -4.71 13.61 -19.70
N HIS N 22 -5.97 14.02 -19.69
CA HIS N 22 -6.34 15.44 -19.76
C HIS N 22 -7.05 15.81 -18.47
N PHE N 23 -6.44 16.73 -17.72
CA PHE N 23 -7.01 17.26 -16.49
C PHE N 23 -7.49 18.68 -16.77
N GLY N 24 -8.72 18.81 -17.24
CA GLY N 24 -9.25 20.13 -17.51
C GLY N 24 -10.49 20.07 -18.37
N ASN N 25 -10.93 21.26 -18.79
CA ASN N 25 -12.24 21.56 -19.37
C ASN N 25 -13.31 21.54 -18.30
N GLY O 1 -20.90 22.89 -4.48
CA GLY O 1 -20.65 21.49 -4.16
C GLY O 1 -19.86 20.77 -5.23
N ALA O 2 -20.33 19.60 -5.64
CA ALA O 2 -19.67 18.77 -6.65
C ALA O 2 -18.30 18.28 -6.18
N VAL O 3 -18.28 17.43 -5.16
CA VAL O 3 -17.10 16.66 -4.80
C VAL O 3 -17.05 15.43 -5.70
N VAL O 4 -16.05 15.35 -6.56
CA VAL O 4 -16.01 14.38 -7.65
C VAL O 4 -14.75 13.54 -7.54
N GLY O 5 -14.92 12.22 -7.45
CA GLY O 5 -13.78 11.35 -7.43
C GLY O 5 -13.14 11.19 -8.80
N GLY O 6 -11.85 10.93 -8.80
CA GLY O 6 -11.13 10.65 -10.02
C GLY O 6 -10.77 9.20 -10.17
N LEU O 7 -9.52 8.92 -10.49
CA LEU O 7 -9.03 7.55 -10.67
C LEU O 7 -7.91 7.30 -9.68
N GLY O 8 -8.11 6.36 -8.79
CA GLY O 8 -7.06 5.93 -7.88
C GLY O 8 -6.92 4.43 -7.93
N GLY O 9 -5.68 3.97 -7.91
CA GLY O 9 -5.53 2.53 -7.97
C GLY O 9 -4.09 2.06 -7.92
N TYR O 10 -3.97 0.75 -7.96
CA TYR O 10 -2.70 0.06 -7.92
C TYR O 10 -2.63 -0.85 -9.13
N MET O 11 -1.53 -0.76 -9.88
CA MET O 11 -1.22 -1.69 -10.95
C MET O 11 -0.01 -2.50 -10.50
N LEU O 12 -0.20 -3.79 -10.30
CA LEU O 12 0.85 -4.68 -9.83
C LEU O 12 1.03 -5.78 -10.87
N GLY O 13 2.18 -5.77 -11.54
CA GLY O 13 2.44 -6.75 -12.57
C GLY O 13 1.41 -6.78 -13.67
N SER O 14 0.92 -5.61 -14.07
CA SER O 14 -0.22 -5.50 -14.95
C SER O 14 0.17 -4.75 -16.21
N ALA O 15 -0.70 -4.83 -17.21
CA ALA O 15 -0.47 -4.19 -18.49
C ALA O 15 -1.72 -3.43 -18.89
N MET O 16 -1.55 -2.21 -19.37
CA MET O 16 -2.66 -1.39 -19.83
C MET O 16 -2.21 -0.66 -21.09
N SER O 17 -2.91 -0.89 -22.18
CA SER O 17 -2.54 -0.31 -23.46
C SER O 17 -3.46 0.87 -23.79
N ARG O 18 -2.86 1.98 -24.23
CA ARG O 18 -3.55 3.17 -24.72
C ARG O 18 -4.77 3.59 -23.90
N PRO O 19 -4.61 3.84 -22.61
CA PRO O 19 -5.74 4.37 -21.85
C PRO O 19 -5.98 5.84 -22.15
N MET O 20 -7.25 6.21 -22.13
CA MET O 20 -7.66 7.59 -22.34
C MET O 20 -8.48 8.00 -21.12
N MET O 21 -7.94 8.93 -20.34
CA MET O 21 -8.59 9.43 -19.14
C MET O 21 -8.83 10.92 -19.28
N HIS O 22 -10.08 11.33 -19.23
CA HIS O 22 -10.45 12.73 -19.25
C HIS O 22 -11.13 13.09 -17.94
N PHE O 23 -10.51 13.98 -17.18
CA PHE O 23 -11.04 14.48 -15.92
C PHE O 23 -11.52 15.91 -16.16
N GLY O 24 -12.77 16.05 -16.59
CA GLY O 24 -13.31 17.37 -16.81
C GLY O 24 -14.57 17.34 -17.65
N ASN O 25 -15.01 18.54 -18.03
CA ASN O 25 -16.34 18.85 -18.58
C ASN O 25 -17.39 18.80 -17.47
N GLY P 1 -24.61 19.72 -3.43
CA GLY P 1 -24.35 18.32 -3.16
C GLY P 1 -23.58 17.63 -4.27
N ALA P 2 -24.07 16.47 -4.70
CA ALA P 2 -23.42 15.68 -5.75
C ALA P 2 -22.04 15.19 -5.33
N VAL P 3 -21.99 14.30 -4.34
CA VAL P 3 -20.80 13.53 -4.03
C VAL P 3 -20.77 12.32 -4.96
N VAL P 4 -19.78 12.27 -5.86
CA VAL P 4 -19.78 11.34 -6.97
C VAL P 4 -18.50 10.49 -6.91
N GLY P 5 -18.67 9.18 -6.86
CA GLY P 5 -17.53 8.29 -6.89
C GLY P 5 -16.92 8.20 -8.27
N GLY P 6 -15.62 7.93 -8.31
CA GLY P 6 -14.93 7.71 -9.56
C GLY P 6 -14.58 6.25 -9.77
N LEU P 7 -13.33 5.98 -10.12
CA LEU P 7 -12.85 4.62 -10.34
C LEU P 7 -11.70 4.34 -9.39
N GLY P 8 -11.88 3.38 -8.52
CA GLY P 8 -10.81 2.93 -7.66
C GLY P 8 -10.67 1.43 -7.75
N GLY P 9 -9.43 0.96 -7.77
CA GLY P 9 -9.27 -0.46 -7.88
C GLY P 9 -7.84 -0.94 -7.88
N TYR P 10 -7.71 -2.24 -7.97
CA TYR P 10 -6.44 -2.93 -7.97
C TYR P 10 -6.39 -3.80 -9.21
N MET P 11 -5.31 -3.68 -9.97
CA MET P 11 -5.03 -4.58 -11.08
C MET P 11 -3.80 -5.40 -10.69
N LEU P 12 -3.98 -6.70 -10.52
CA LEU P 12 -2.93 -7.60 -10.11
C LEU P 12 -2.76 -8.67 -11.18
N GLY P 13 -1.63 -8.63 -11.88
CA GLY P 13 -1.38 -9.59 -12.94
C GLY P 13 -2.44 -9.58 -14.01
N SER P 14 -2.94 -8.40 -14.36
CA SER P 14 -4.10 -8.27 -15.23
C SER P 14 -3.74 -7.48 -16.47
N ALA P 15 -4.63 -7.53 -17.45
CA ALA P 15 -4.43 -6.85 -18.72
C ALA P 15 -5.69 -6.08 -19.06
N MET P 16 -5.53 -4.85 -19.51
CA MET P 16 -6.65 -4.01 -19.92
C MET P 16 -6.23 -3.25 -21.16
N SER P 17 -6.95 -3.44 -22.25
CA SER P 17 -6.62 -2.81 -23.52
C SER P 17 -7.54 -1.64 -23.79
N ARG P 18 -6.96 -0.51 -24.20
CA ARG P 18 -7.66 0.69 -24.64
C ARG P 18 -8.86 1.09 -23.78
N PRO P 19 -8.68 1.30 -22.49
CA PRO P 19 -9.79 1.80 -21.68
C PRO P 19 -10.04 3.27 -21.95
N MET P 20 -11.31 3.65 -21.88
CA MET P 20 -11.73 5.02 -22.04
C MET P 20 -12.51 5.41 -20.80
N MET P 21 -11.96 6.31 -19.99
CA MET P 21 -12.59 6.77 -18.76
C MET P 21 -12.83 8.26 -18.86
N HIS P 22 -14.09 8.66 -18.76
CA HIS P 22 -14.46 10.07 -18.73
C HIS P 22 -15.11 10.38 -17.39
N PHE P 23 -14.48 11.24 -16.62
CA PHE P 23 -14.99 11.70 -15.33
C PHE P 23 -15.47 13.13 -15.53
N GLY P 24 -16.73 13.29 -15.92
CA GLY P 24 -17.27 14.61 -16.09
C GLY P 24 -18.55 14.60 -16.90
N ASN P 25 -19.01 15.81 -17.24
CA ASN P 25 -20.35 16.14 -17.75
C ASN P 25 -21.37 16.04 -16.62
N GLY Q 1 -28.23 16.58 -2.47
CA GLY Q 1 -27.96 15.18 -2.24
C GLY Q 1 -27.22 14.51 -3.37
N ALA Q 2 -27.72 13.36 -3.82
CA ALA Q 2 -27.11 12.60 -4.89
C ALA Q 2 -25.72 12.08 -4.52
N VAL Q 3 -25.64 11.18 -3.55
CA VAL Q 3 -24.44 10.40 -3.28
C VAL Q 3 -24.45 9.21 -4.24
N VAL Q 4 -23.50 9.18 -5.16
CA VAL Q 4 -23.51 8.26 -6.30
C VAL Q 4 -22.24 7.42 -6.28
N GLY Q 5 -22.41 6.10 -6.26
CA GLY Q 5 -21.27 5.22 -6.33
C GLY Q 5 -20.69 5.14 -7.74
N GLY Q 6 -19.41 4.88 -7.81
CA GLY Q 6 -18.74 4.67 -9.08
C GLY Q 6 -18.39 3.22 -9.32
N LEU Q 7 -17.16 2.95 -9.71
CA LEU Q 7 -16.69 1.61 -9.98
C LEU Q 7 -15.51 1.31 -9.06
N GLY Q 8 -15.68 0.32 -8.21
CA GLY Q 8 -14.59 -0.15 -7.38
C GLY Q 8 -14.45 -1.65 -7.51
N GLY Q 9 -13.21 -2.11 -7.57
CA GLY Q 9 -13.06 -3.54 -7.72
C GLY Q 9 -11.64 -4.01 -7.75
N TYR Q 10 -11.50 -5.32 -7.87
CA TYR Q 10 -10.24 -6.01 -7.92
C TYR Q 10 -10.22 -6.86 -9.18
N MET Q 11 -9.17 -6.73 -9.96
CA MET Q 11 -8.91 -7.60 -11.10
C MET Q 11 -7.68 -8.43 -10.76
N LEU Q 12 -7.87 -9.73 -10.61
CA LEU Q 12 -6.79 -10.65 -10.23
C LEU Q 12 -6.66 -11.68 -11.33
N GLY Q 13 -5.56 -11.64 -12.06
CA GLY Q 13 -5.33 -12.57 -13.15
C GLY Q 13 -6.42 -12.54 -14.19
N SER Q 14 -6.92 -11.36 -14.51
CA SER Q 14 -8.10 -11.21 -15.34
C SER Q 14 -7.77 -10.39 -16.57
N ALA Q 15 -8.69 -10.41 -17.53
CA ALA Q 15 -8.53 -9.71 -18.79
C ALA Q 15 -9.79 -8.94 -19.09
N MET Q 16 -9.63 -7.70 -19.51
CA MET Q 16 -10.76 -6.85 -19.88
C MET Q 16 -10.38 -6.06 -21.12
N SER Q 17 -11.13 -6.23 -22.18
CA SER Q 17 -10.82 -5.58 -23.45
C SER Q 17 -11.75 -4.40 -23.67
N ARG Q 18 -11.18 -3.28 -24.08
CA ARG Q 18 -11.88 -2.05 -24.49
C ARG Q 18 -13.06 -1.68 -23.58
N PRO Q 19 -12.84 -1.48 -22.29
CA PRO Q 19 -13.93 -1.00 -21.45
C PRO Q 19 -14.19 0.48 -21.66
N MET Q 20 -15.45 0.85 -21.56
CA MET Q 20 -15.88 2.24 -21.68
C MET Q 20 -16.63 2.60 -20.41
N MET Q 21 -16.05 3.48 -19.61
CA MET Q 21 -16.65 3.90 -18.36
C MET Q 21 -16.89 5.41 -18.41
N HIS Q 22 -18.14 5.81 -18.28
CA HIS Q 22 -18.50 7.21 -18.22
C HIS Q 22 -19.11 7.49 -16.85
N PHE Q 23 -18.46 8.36 -16.08
CA PHE Q 23 -18.93 8.78 -14.77
C PHE Q 23 -19.42 10.22 -14.92
N GLY Q 24 -20.68 10.39 -15.28
CA GLY Q 24 -21.24 11.72 -15.41
C GLY Q 24 -22.53 11.72 -16.19
N ASN Q 25 -22.99 12.94 -16.49
CA ASN Q 25 -24.35 13.28 -16.95
C ASN Q 25 -25.35 13.17 -15.81
N GLY R 1 -9.75 31.62 -6.99
CA GLY R 1 -9.51 30.24 -6.58
C GLY R 1 -8.65 29.48 -7.55
N ALA R 2 -9.10 28.28 -7.93
CA ALA R 2 -8.36 27.40 -8.84
C ALA R 2 -7.03 26.96 -8.27
N VAL R 3 -7.06 26.16 -7.21
CA VAL R 3 -5.89 25.43 -6.73
C VAL R 3 -5.79 24.15 -7.55
N VAL R 4 -4.74 24.03 -8.36
CA VAL R 4 -4.63 23.00 -9.38
C VAL R 4 -3.38 22.18 -9.14
N GLY R 5 -3.54 20.88 -8.99
CA GLY R 5 -2.40 20.00 -8.86
C GLY R 5 -1.67 19.77 -10.18
N GLY R 6 -0.38 19.52 -10.08
CA GLY R 6 0.42 19.19 -11.24
C GLY R 6 0.78 17.73 -11.29
N LEU R 7 2.06 17.45 -11.52
CA LEU R 7 2.56 16.09 -11.59
C LEU R 7 3.63 15.90 -10.52
N GLY R 8 3.38 15.01 -9.60
CA GLY R 8 4.37 14.64 -8.60
C GLY R 8 4.53 13.15 -8.55
N GLY R 9 5.76 12.69 -8.43
CA GLY R 9 5.93 11.25 -8.41
C GLY R 9 7.36 10.81 -8.25
N TYR R 10 7.50 9.49 -8.20
CA TYR R 10 8.77 8.82 -8.05
C TYR R 10 8.93 7.85 -9.21
N MET R 11 10.06 7.90 -9.88
CA MET R 11 10.44 6.92 -10.88
C MET R 11 11.62 6.15 -10.32
N LEU R 12 11.42 4.86 -10.05
CA LEU R 12 12.45 4.01 -9.48
C LEU R 12 12.71 2.86 -10.43
N GLY R 13 13.89 2.85 -11.04
CA GLY R 13 14.23 1.81 -11.99
C GLY R 13 13.25 1.71 -13.15
N SER R 14 12.79 2.85 -13.64
CA SER R 14 11.70 2.90 -14.60
C SER R 14 12.16 3.58 -15.88
N ALA R 15 11.35 3.44 -16.91
CA ALA R 15 11.65 4.00 -18.22
C ALA R 15 10.42 4.73 -18.73
N MET R 16 10.62 5.92 -19.26
CA MET R 16 9.53 6.70 -19.83
C MET R 16 10.05 7.36 -21.10
N SER R 17 9.42 7.07 -22.23
CA SER R 17 9.86 7.59 -23.51
C SER R 17 8.95 8.73 -23.95
N ARG R 18 9.57 9.82 -24.42
CA ARG R 18 8.91 10.98 -25.02
C ARG R 18 7.63 11.43 -24.29
N PRO R 19 7.71 11.75 -23.02
CA PRO R 19 6.54 12.31 -22.35
C PRO R 19 6.30 13.75 -22.75
N MET R 20 5.03 14.12 -22.83
CA MET R 20 4.62 15.48 -23.14
C MET R 20 3.74 15.95 -22.00
N MET R 21 4.23 16.92 -21.24
CA MET R 21 3.50 17.48 -20.11
C MET R 21 3.26 18.96 -20.35
N HIS R 22 2.00 19.36 -20.39
CA HIS R 22 1.62 20.76 -20.51
C HIS R 22 0.88 21.18 -19.26
N PHE R 23 1.43 22.12 -18.53
CA PHE R 23 0.82 22.68 -17.34
C PHE R 23 0.35 24.08 -17.68
N GLY R 24 -0.87 24.20 -18.19
CA GLY R 24 -1.41 25.50 -18.52
C GLY R 24 -2.61 25.40 -19.43
N ASN R 25 -3.03 26.57 -19.90
CA ASN R 25 -4.33 26.84 -20.54
C ASN R 25 -5.45 26.84 -19.50
N GLY S 1 11.52 1.58 -30.26
CA GLY S 1 10.72 1.40 -29.07
C GLY S 1 11.48 0.72 -27.95
N ALA S 2 10.89 -0.31 -27.36
CA ALA S 2 11.49 -1.04 -26.24
C ALA S 2 11.66 -0.16 -25.01
N VAL S 3 10.55 0.26 -24.40
CA VAL S 3 10.56 0.85 -23.07
C VAL S 3 10.52 -0.29 -22.06
N VAL S 4 11.60 -0.43 -21.30
CA VAL S 4 11.84 -1.63 -20.48
C VAL S 4 12.00 -1.21 -19.03
N GLY S 5 11.17 -1.76 -18.15
CA GLY S 5 11.32 -1.50 -16.73
C GLY S 5 12.49 -2.24 -16.13
N GLY S 6 13.04 -1.67 -15.08
CA GLY S 6 14.11 -2.31 -14.33
C GLY S 6 13.64 -2.82 -12.99
N LEU S 7 14.38 -2.50 -11.93
CA LEU S 7 14.05 -2.93 -10.59
C LEU S 7 13.87 -1.70 -9.72
N GLY S 8 12.68 -1.53 -9.20
CA GLY S 8 12.42 -0.46 -8.24
C GLY S 8 11.75 -1.02 -7.01
N GLY S 9 12.16 -0.55 -5.85
CA GLY S 9 11.54 -1.09 -4.67
C GLY S 9 12.04 -0.48 -3.38
N TYR S 10 11.45 -0.98 -2.30
CA TYR S 10 11.74 -0.55 -0.95
C TYR S 10 12.12 -1.79 -0.15
N MET S 11 13.24 -1.72 0.54
CA MET S 11 13.64 -2.73 1.51
C MET S 11 13.57 -2.09 2.89
N LEU S 12 12.67 -2.56 3.72
CA LEU S 12 12.46 -2.01 5.05
C LEU S 12 12.68 -3.13 6.06
N GLY S 13 13.75 -3.03 6.84
CA GLY S 13 14.06 -4.04 7.82
C GLY S 13 14.21 -5.42 7.22
N SER S 14 14.82 -5.51 6.05
CA SER S 14 14.85 -6.74 5.27
C SER S 14 16.28 -7.16 5.03
N ALA S 15 16.44 -8.40 4.57
CA ALA S 15 17.75 -8.98 4.32
C ALA S 15 17.73 -9.62 2.95
N MET S 16 18.78 -9.40 2.18
CA MET S 16 18.92 -10.00 0.86
C MET S 16 20.37 -10.41 0.68
N SER S 17 20.60 -11.69 0.45
CA SER S 17 21.95 -12.21 0.32
C SER S 17 22.28 -12.46 -1.14
N ARG S 18 23.47 -12.03 -1.56
CA ARG S 18 24.04 -12.27 -2.88
C ARG S 18 23.06 -12.14 -4.05
N PRO S 19 22.42 -10.99 -4.21
CA PRO S 19 21.58 -10.81 -5.38
C PRO S 19 22.42 -10.57 -6.63
N MET S 20 21.92 -11.08 -7.74
CA MET S 20 22.54 -10.90 -9.04
C MET S 20 21.53 -10.25 -9.96
N MET S 21 21.77 -9.01 -10.35
CA MET S 21 20.88 -8.26 -11.22
C MET S 21 21.63 -7.89 -12.49
N HIS S 22 21.12 -8.35 -13.62
CA HIS S 22 21.67 -8.00 -14.92
C HIS S 22 20.62 -7.24 -15.70
N PHE S 23 20.92 -5.98 -16.02
CA PHE S 23 20.05 -5.12 -16.82
C PHE S 23 20.69 -4.98 -18.19
N GLY S 24 20.38 -5.90 -19.09
CA GLY S 24 20.92 -5.82 -20.43
C GLY S 24 20.78 -7.13 -21.18
N ASN S 25 21.42 -7.16 -22.35
CA ASN S 25 21.24 -8.14 -23.43
C ASN S 25 19.91 -7.90 -24.14
N GLY T 1 7.26 -0.76 -30.62
CA GLY T 1 6.47 -0.97 -29.41
C GLY T 1 7.24 -1.67 -28.32
N ALA T 2 6.65 -2.71 -27.74
CA ALA T 2 7.25 -3.47 -26.65
C ALA T 2 7.45 -2.62 -25.39
N VAL T 3 6.36 -2.20 -24.77
CA VAL T 3 6.39 -1.64 -23.43
C VAL T 3 6.36 -2.80 -22.44
N VAL T 4 7.44 -2.98 -21.70
CA VAL T 4 7.69 -4.18 -20.91
C VAL T 4 7.87 -3.80 -19.45
N GLY T 5 7.05 -4.36 -18.58
CA GLY T 5 7.22 -4.13 -17.16
C GLY T 5 8.39 -4.90 -16.58
N GLY T 6 8.97 -4.36 -15.53
CA GLY T 6 10.03 -5.02 -14.81
C GLY T 6 9.58 -5.56 -13.48
N LEU T 7 10.34 -5.28 -12.43
CA LEU T 7 10.03 -5.73 -11.08
C LEU T 7 9.87 -4.51 -10.19
N GLY T 8 8.69 -4.33 -9.64
CA GLY T 8 8.46 -3.29 -8.66
C GLY T 8 7.80 -3.87 -7.43
N GLY T 9 8.23 -3.42 -6.27
CA GLY T 9 7.62 -3.99 -5.09
C GLY T 9 8.13 -3.41 -3.79
N TYR T 10 7.57 -3.91 -2.72
CA TYR T 10 7.88 -3.53 -1.36
C TYR T 10 8.25 -4.78 -0.59
N MET T 11 9.39 -4.74 0.08
CA MET T 11 9.79 -5.78 1.03
C MET T 11 9.75 -5.17 2.41
N LEU T 12 8.86 -5.64 3.25
CA LEU T 12 8.67 -5.12 4.60
C LEU T 12 8.89 -6.26 5.57
N GLY T 13 9.97 -6.18 6.34
CA GLY T 13 10.29 -7.23 7.30
C GLY T 13 10.41 -8.60 6.66
N SER T 14 11.00 -8.67 5.49
CA SER T 14 11.02 -9.87 4.68
C SER T 14 12.44 -10.32 4.41
N ALA T 15 12.57 -11.54 3.93
CA ALA T 15 13.86 -12.13 3.64
C ALA T 15 13.81 -12.75 2.26
N MET T 16 14.86 -12.52 1.47
CA MET T 16 14.96 -13.10 0.14
C MET T 16 16.40 -13.52 -0.07
N SER T 17 16.62 -14.80 -0.33
CA SER T 17 17.96 -15.33 -0.48
C SER T 17 18.26 -15.56 -1.96
N ARG T 18 19.45 -15.13 -2.39
CA ARG T 18 20.01 -15.36 -3.72
C ARG T 18 19.00 -15.19 -4.86
N PRO T 19 18.38 -14.03 -4.99
CA PRO T 19 17.52 -13.81 -6.16
C PRO T 19 18.35 -13.56 -7.41
N MET T 20 17.82 -14.03 -8.53
CA MET T 20 18.43 -13.83 -9.83
C MET T 20 17.40 -13.16 -10.71
N MET T 21 17.66 -11.90 -11.08
CA MET T 21 16.77 -11.13 -11.92
C MET T 21 17.50 -10.75 -13.20
N HIS T 22 16.98 -11.17 -14.34
CA HIS T 22 17.52 -10.79 -15.64
C HIS T 22 16.45 -10.00 -16.39
N PHE T 23 16.77 -8.75 -16.67
CA PHE T 23 15.90 -7.86 -17.44
C PHE T 23 16.53 -7.70 -18.83
N GLY T 24 16.18 -8.59 -19.75
CA GLY T 24 16.72 -8.49 -21.08
C GLY T 24 16.54 -9.79 -21.85
N ASN T 25 17.16 -9.80 -23.03
CA ASN T 25 16.94 -10.76 -24.13
C ASN T 25 15.61 -10.49 -24.82
N GLY U 1 3.10 -3.20 -30.61
CA GLY U 1 2.33 -3.44 -29.40
C GLY U 1 3.13 -4.15 -28.34
N ALA U 2 2.54 -5.21 -27.77
CA ALA U 2 3.18 -5.99 -26.70
C ALA U 2 3.38 -5.17 -25.44
N VAL U 3 2.30 -4.76 -24.80
CA VAL U 3 2.35 -4.23 -23.44
C VAL U 3 2.35 -5.41 -22.47
N VAL U 4 3.44 -5.60 -21.75
CA VAL U 4 3.70 -6.82 -20.99
C VAL U 4 3.90 -6.46 -19.53
N GLY U 5 3.10 -7.05 -18.65
CA GLY U 5 3.29 -6.85 -17.23
C GLY U 5 4.48 -7.61 -16.69
N GLY U 6 5.06 -7.08 -15.63
CA GLY U 6 6.15 -7.76 -14.95
C GLY U 6 5.71 -8.32 -13.62
N LEU U 7 6.48 -8.06 -12.57
CA LEU U 7 6.19 -8.54 -11.24
C LEU U 7 6.04 -7.35 -10.31
N GLY U 8 4.87 -7.19 -9.74
CA GLY U 8 4.65 -6.17 -8.73
C GLY U 8 4.01 -6.78 -7.51
N GLY U 9 4.46 -6.35 -6.35
CA GLY U 9 3.87 -6.94 -5.17
C GLY U 9 4.41 -6.39 -3.87
N TYR U 10 3.86 -6.93 -2.80
CA TYR U 10 4.19 -6.57 -1.44
C TYR U 10 4.59 -7.83 -0.70
N MET U 11 5.72 -7.79 -0.05
CA MET U 11 6.15 -8.84 0.86
C MET U 11 6.13 -8.26 2.27
N LEU U 12 5.24 -8.76 3.11
CA LEU U 12 5.08 -8.27 4.48
C LEU U 12 5.32 -9.43 5.42
N GLY U 13 6.41 -9.36 6.18
CA GLY U 13 6.75 -10.43 7.10
C GLY U 13 6.88 -11.77 6.45
N SER U 14 7.46 -11.82 5.25
CA SER U 14 7.46 -13.01 4.43
C SER U 14 8.89 -13.43 4.12
N ALA U 15 9.02 -14.64 3.61
CA ALA U 15 10.32 -15.21 3.29
C ALA U 15 10.25 -15.81 1.90
N MET U 16 11.28 -15.55 1.10
CA MET U 16 11.38 -16.09 -0.24
C MET U 16 12.82 -16.50 -0.48
N SER U 17 13.05 -17.77 -0.77
CA SER U 17 14.39 -18.29 -0.96
C SER U 17 14.67 -18.48 -2.43
N ARG U 18 15.85 -18.03 -2.87
CA ARG U 18 16.38 -18.22 -4.22
C ARG U 18 15.37 -18.04 -5.36
N PRO U 19 14.73 -16.89 -5.45
CA PRO U 19 13.85 -16.65 -6.59
C PRO U 19 14.65 -16.37 -7.85
N MET U 20 14.12 -16.82 -8.97
CA MET U 20 14.70 -16.59 -10.28
C MET U 20 13.66 -15.90 -11.13
N MET U 21 13.90 -14.64 -11.48
CA MET U 21 12.98 -13.86 -12.29
C MET U 21 13.69 -13.44 -13.57
N HIS U 22 13.16 -13.85 -14.70
CA HIS U 22 13.67 -13.44 -16.00
C HIS U 22 12.59 -12.64 -16.72
N PHE U 23 12.89 -11.38 -16.99
CA PHE U 23 12.00 -10.48 -17.72
C PHE U 23 12.60 -10.29 -19.11
N GLY U 24 12.26 -11.16 -20.04
CA GLY U 24 12.76 -11.03 -21.39
C GLY U 24 12.59 -12.30 -22.18
N ASN U 25 13.19 -12.30 -23.37
CA ASN U 25 12.98 -13.23 -24.49
C ASN U 25 11.63 -12.95 -25.15
N GLY V 1 -1.27 -5.71 -31.01
CA GLY V 1 -2.01 -5.99 -29.78
C GLY V 1 -1.18 -6.73 -28.75
N ALA V 2 -1.74 -7.80 -28.20
CA ALA V 2 -1.09 -8.59 -27.16
C ALA V 2 -0.85 -7.80 -25.88
N VAL V 3 -1.93 -7.42 -25.21
CA VAL V 3 -1.86 -6.92 -23.83
C VAL V 3 -1.84 -8.13 -22.90
N VAL V 4 -0.72 -8.33 -22.20
CA VAL V 4 -0.44 -9.56 -21.48
C VAL V 4 -0.20 -9.24 -20.01
N GLY V 5 -0.98 -9.85 -19.14
CA GLY V 5 -0.77 -9.69 -17.71
C GLY V 5 0.44 -10.46 -17.22
N GLY V 6 1.04 -9.94 -16.16
CA GLY V 6 2.15 -10.62 -15.52
C GLY V 6 1.75 -11.23 -14.19
N LEU V 7 2.53 -10.98 -13.16
CA LEU V 7 2.29 -11.49 -11.83
C LEU V 7 2.14 -10.32 -10.86
N GLY V 8 0.98 -10.19 -10.27
CA GLY V 8 0.76 -9.19 -9.23
C GLY V 8 0.16 -9.84 -8.02
N GLY V 9 0.61 -9.44 -6.85
CA GLY V 9 0.07 -10.06 -5.67
C GLY V 9 0.62 -9.54 -4.37
N TYR V 10 0.09 -10.11 -3.31
CA TYR V 10 0.46 -9.76 -1.94
C TYR V 10 0.88 -11.05 -1.24
N MET V 11 2.04 -11.02 -0.61
CA MET V 11 2.48 -12.09 0.27
C MET V 11 2.49 -11.53 1.68
N LEU V 12 1.63 -12.07 2.54
CA LEU V 12 1.48 -11.61 3.91
C LEU V 12 1.75 -12.79 4.82
N GLY V 13 2.87 -12.73 5.55
CA GLY V 13 3.23 -13.81 6.45
C GLY V 13 3.36 -15.14 5.75
N SER V 14 3.90 -15.14 4.55
CA SER V 14 3.90 -16.32 3.69
C SER V 14 5.33 -16.72 3.35
N ALA V 15 5.47 -17.92 2.81
CA ALA V 15 6.76 -18.47 2.45
C ALA V 15 6.68 -19.03 1.05
N MET V 16 7.68 -18.74 0.24
CA MET V 16 7.75 -19.26 -1.12
C MET V 16 9.19 -19.64 -1.40
N SER V 17 9.42 -20.90 -1.73
CA SER V 17 10.77 -21.40 -1.95
C SER V 17 11.02 -21.56 -3.44
N ARG V 18 12.18 -21.09 -3.90
CA ARG V 18 12.70 -21.24 -5.25
C ARG V 18 11.65 -21.05 -6.36
N PRO V 19 11.00 -19.89 -6.41
CA PRO V 19 10.10 -19.64 -7.53
C PRO V 19 10.88 -19.31 -8.80
N MET V 20 10.31 -19.75 -9.92
CA MET V 20 10.88 -19.48 -11.23
C MET V 20 9.80 -18.78 -12.05
N MET V 21 10.03 -17.52 -12.37
CA MET V 21 9.09 -16.72 -13.15
C MET V 21 9.76 -16.26 -14.42
N HIS V 22 9.21 -16.64 -15.56
CA HIS V 22 9.69 -16.20 -16.86
C HIS V 22 8.60 -15.39 -17.53
N PHE V 23 8.88 -14.13 -17.78
CA PHE V 23 7.97 -13.22 -18.47
C PHE V 23 8.53 -12.99 -19.87
N GLY V 24 8.19 -13.85 -20.80
CA GLY V 24 8.66 -13.68 -22.17
C GLY V 24 8.48 -14.93 -22.99
N ASN V 25 9.06 -14.88 -24.18
CA ASN V 25 8.82 -15.79 -25.32
C ASN V 25 7.46 -15.52 -25.94
N GLY W 1 -5.48 -8.21 -31.06
CA GLY W 1 -6.18 -8.53 -29.83
C GLY W 1 -5.35 -9.28 -28.83
N ALA W 2 -5.90 -10.37 -28.30
CA ALA W 2 -5.22 -11.19 -27.30
C ALA W 2 -4.96 -10.43 -26.00
N VAL W 3 -6.01 -10.08 -25.29
CA VAL W 3 -5.92 -9.61 -23.92
C VAL W 3 -5.88 -10.84 -23.02
N VAL W 4 -4.75 -11.05 -22.34
CA VAL W 4 -4.45 -12.31 -21.66
C VAL W 4 -4.19 -12.02 -20.19
N GLY W 5 -4.95 -12.67 -19.32
CA GLY W 5 -4.70 -12.53 -17.89
C GLY W 5 -3.49 -13.32 -17.44
N GLY W 6 -2.86 -12.83 -16.38
CA GLY W 6 -1.75 -13.53 -15.77
C GLY W 6 -2.12 -14.17 -14.46
N LEU W 7 -1.31 -13.94 -13.44
CA LEU W 7 -1.53 -14.50 -12.12
C LEU W 7 -1.66 -13.35 -11.13
N GLY W 8 -2.81 -13.23 -10.50
CA GLY W 8 -2.99 -12.26 -9.44
C GLY W 8 -3.58 -12.95 -8.22
N GLY W 9 -3.09 -12.57 -7.05
CA GLY W 9 -3.62 -13.23 -5.88
C GLY W 9 -3.03 -12.73 -4.58
N TYR W 10 -3.54 -13.32 -3.52
CA TYR W 10 -3.14 -13.03 -2.15
C TYR W 10 -2.71 -14.33 -1.50
N MET W 11 -1.55 -14.31 -0.89
CA MET W 11 -1.08 -15.41 -0.04
C MET W 11 -1.04 -14.90 1.38
N LEU W 12 -1.89 -15.44 2.23
CA LEU W 12 -2.00 -15.03 3.62
C LEU W 12 -1.71 -16.22 4.50
N GLY W 13 -0.59 -16.19 5.21
CA GLY W 13 -0.20 -17.29 6.06
C GLY W 13 -0.09 -18.60 5.33
N SER W 14 0.43 -18.58 4.12
CA SER W 14 0.41 -19.73 3.24
C SER W 14 1.82 -20.12 2.85
N ALA W 15 1.94 -21.31 2.28
CA ALA W 15 3.23 -21.85 1.88
C ALA W 15 3.11 -22.38 0.45
N MET W 16 4.10 -22.07 -0.37
CA MET W 16 4.14 -22.55 -1.74
C MET W 16 5.58 -22.93 -2.06
N SER W 17 5.80 -24.18 -2.42
CA SER W 17 7.13 -24.68 -2.68
C SER W 17 7.36 -24.80 -4.19
N ARG W 18 8.52 -24.31 -4.65
CA ARG W 18 9.00 -24.43 -6.03
C ARG W 18 7.93 -24.21 -7.10
N PRO W 19 7.28 -23.05 -7.11
CA PRO W 19 6.35 -22.76 -8.20
C PRO W 19 7.10 -22.40 -9.48
N MET W 20 6.52 -22.82 -10.60
CA MET W 20 7.05 -22.51 -11.92
C MET W 20 5.96 -21.79 -12.69
N MET W 21 6.19 -20.52 -12.98
CA MET W 21 5.23 -19.70 -13.71
C MET W 21 5.88 -19.20 -15.00
N HIS W 22 5.30 -19.56 -16.13
CA HIS W 22 5.76 -19.09 -17.42
C HIS W 22 4.65 -18.26 -18.05
N PHE W 23 4.92 -16.98 -18.27
CA PHE W 23 4.00 -16.06 -18.93
C PHE W 23 4.54 -15.79 -20.33
N GLY W 24 4.17 -16.63 -21.28
CA GLY W 24 4.62 -16.42 -22.64
C GLY W 24 4.42 -17.66 -23.49
N ASN W 25 4.98 -17.58 -24.70
CA ASN W 25 4.70 -18.46 -25.86
C ASN W 25 3.34 -18.16 -26.44
N GLY X 1 15.44 4.19 -30.04
CA GLY X 1 14.63 4.03 -28.85
C GLY X 1 15.37 3.38 -27.71
N ALA X 2 14.75 2.35 -27.10
CA ALA X 2 15.33 1.64 -25.96
C ALA X 2 15.50 2.53 -24.74
N VAL X 3 14.39 2.99 -24.16
CA VAL X 3 14.39 3.61 -22.84
C VAL X 3 14.33 2.48 -21.82
N VAL X 4 15.39 2.33 -21.03
CA VAL X 4 15.61 1.16 -20.19
C VAL X 4 15.76 1.60 -18.75
N GLY X 5 14.92 1.08 -17.86
CA GLY X 5 15.04 1.36 -16.45
C GLY X 5 16.21 0.62 -15.82
N GLY X 6 16.76 1.20 -14.77
CA GLY X 6 17.80 0.56 -14.01
C GLY X 6 17.31 0.08 -12.66
N LEU X 7 18.04 0.41 -11.61
CA LEU X 7 17.69 0.01 -10.25
C LEU X 7 17.51 1.26 -9.41
N GLY X 8 16.32 1.46 -8.90
CA GLY X 8 16.07 2.55 -7.96
C GLY X 8 15.38 2.02 -6.74
N GLY X 9 15.77 2.51 -5.58
CA GLY X 9 15.13 1.99 -4.40
C GLY X 9 15.62 2.62 -3.12
N TYR X 10 15.02 2.15 -2.03
CA TYR X 10 15.30 2.60 -0.69
C TYR X 10 15.65 1.38 0.15
N MET X 11 16.76 1.44 0.84
CA MET X 11 17.15 0.44 1.84
C MET X 11 17.07 1.11 3.19
N LEU X 12 16.15 0.67 4.03
CA LEU X 12 15.93 1.25 5.35
C LEU X 12 16.12 0.14 6.38
N GLY X 13 17.18 0.25 7.17
CA GLY X 13 17.48 -0.76 8.17
C GLY X 13 17.62 -2.14 7.59
N SER X 14 18.24 -2.26 6.44
CA SER X 14 18.26 -3.50 5.68
C SER X 14 19.69 -3.95 5.47
N ALA X 15 19.84 -5.20 5.03
CA ALA X 15 21.14 -5.79 4.80
C ALA X 15 21.13 -6.48 3.45
N MET X 16 22.19 -6.28 2.69
CA MET X 16 22.33 -6.90 1.38
C MET X 16 23.78 -7.33 1.22
N SER X 17 24.00 -8.62 1.03
CA SER X 17 25.35 -9.16 0.93
C SER X 17 25.69 -9.45 -0.53
N ARG X 18 26.89 -9.04 -0.94
CA ARG X 18 27.48 -9.31 -2.25
C ARG X 18 26.51 -9.19 -3.42
N PRO X 19 25.89 -8.04 -3.62
CA PRO X 19 25.06 -7.86 -4.82
C PRO X 19 25.91 -7.66 -6.06
N MET X 20 25.42 -8.18 -7.16
CA MET X 20 26.06 -8.04 -8.46
C MET X 20 25.06 -7.39 -9.40
N MET X 21 25.33 -6.16 -9.81
CA MET X 21 24.46 -5.42 -10.71
C MET X 21 25.22 -5.08 -11.97
N HIS X 22 24.73 -5.55 -13.11
CA HIS X 22 25.30 -5.23 -14.40
C HIS X 22 24.26 -4.47 -15.21
N PHE X 23 24.58 -3.22 -15.55
CA PHE X 23 23.73 -2.37 -16.37
C PHE X 23 24.39 -2.26 -17.74
N GLY X 24 24.08 -3.19 -18.62
CA GLY X 24 24.64 -3.15 -19.96
C GLY X 24 24.48 -4.47 -20.68
N ASN X 25 25.14 -4.53 -21.85
CA ASN X 25 24.94 -5.53 -22.90
C ASN X 25 23.64 -5.28 -23.64
#